data_6BOU
#
_entry.id   6BOU
#
_cell.length_a   44.303
_cell.length_b   60.909
_cell.length_c   73.314
_cell.angle_alpha   83.35
_cell.angle_beta   78.50
_cell.angle_gamma   87.34
#
_symmetry.space_group_name_H-M   'P 1'
#
loop_
_entity.id
_entity.type
_entity.pdbx_description
1 polymer 'DNA-(apurinic or apyrimidinic site) lyase'
2 polymer '21-mer DNA'
3 polymer '21-mer DNA'
4 water water
#
loop_
_entity_poly.entity_id
_entity_poly.type
_entity_poly.pdbx_seq_one_letter_code
_entity_poly.pdbx_strand_id
1 'polypeptide(L)'
;MPKRGKKGAVAEDGDELRTEPEAKKSKTAAKKNDKEAAGEGPALYEDPPDQKTSPSGKPATLKICSWNVDGLRAWIKKKG
LDWVKEEAPDILCLQETKCSENKLPAELQELPGLSHQYWSAPSDKEGYSGVGLLSRQAPLKVSYGIGDEEHDQEGRVIVA
EFDSFVLVTAYVPNAGRGLVRLEYRQRWDEAFRKFLKGLASRKPLVLCGDLNVAHEEIDLRNPKGNKKNAGFTPQERQGF
GELLQAVPLADSFRHLYPNTPYAYTFWTYMMNARSKNVGWRLDYFLLSHSLLPALCDSKIRSKALGSDHCPITLYLAL
;
A,B
2 'polydeoxyribonucleotide'
;(DG)(DC)(DT)(DG)(DA)(DT)(DG)(DC)(DG)(DC)(DV3)(DC)(DG)(DA)(DC)(DG)(DG)(DA)(DT)
(DC)(DC)
;
P
3 'polydeoxyribonucleotide'
;(DG)(DG)(DA)(DT)(DC)(DC)(DG)(DT)(DC)(DG)(DA)(DT)(DC)(DG)(DC)(DA)(DT)(DC)(DA)(DG)
(DC)
;
V
#
# COMPACT_ATOMS: atom_id res chain seq x y z
N ALA A 43 -13.13 11.38 40.02
CA ALA A 43 -12.10 10.55 40.62
C ALA A 43 -11.00 10.27 39.61
N LEU A 44 -9.76 10.62 39.96
CA LEU A 44 -8.65 10.33 39.06
C LEU A 44 -8.34 8.84 39.11
N TYR A 45 -7.37 8.43 38.29
CA TYR A 45 -7.07 7.03 38.10
C TYR A 45 -5.57 6.88 37.94
N GLU A 46 -5.02 5.78 38.47
CA GLU A 46 -3.66 5.37 38.16
C GLU A 46 -3.68 3.89 37.84
N ASP A 47 -3.38 3.57 36.59
CA ASP A 47 -3.15 2.25 36.05
C ASP A 47 -2.38 1.38 37.07
N PRO A 48 -2.81 0.16 37.32
CA PRO A 48 -2.00 -0.75 38.14
C PRO A 48 -0.67 -1.03 37.45
N PRO A 49 0.32 -1.53 38.17
CA PRO A 49 1.63 -1.78 37.56
C PRO A 49 1.54 -2.86 36.50
N ASP A 50 2.61 -2.94 35.69
CA ASP A 50 2.64 -3.86 34.56
C ASP A 50 2.77 -5.30 35.04
N GLN A 51 1.78 -6.12 34.69
CA GLN A 51 1.85 -7.55 34.91
C GLN A 51 2.49 -8.19 33.67
N LYS A 52 3.74 -8.60 33.79
CA LYS A 52 4.49 -9.09 32.64
C LYS A 52 4.53 -10.61 32.57
N THR A 53 3.67 -11.30 33.33
CA THR A 53 3.64 -12.76 33.38
CA THR A 53 3.65 -12.75 33.34
C THR A 53 2.20 -13.22 33.25
N SER A 54 1.95 -14.18 32.36
CA SER A 54 0.60 -14.68 32.13
C SER A 54 0.10 -15.42 33.37
N PRO A 55 -1.21 -15.59 33.55
CA PRO A 55 -1.69 -16.07 34.85
C PRO A 55 -1.17 -17.45 35.19
N SER A 56 -0.89 -18.25 34.16
CA SER A 56 -0.20 -19.53 34.33
C SER A 56 1.26 -19.34 34.74
N GLY A 57 1.84 -18.17 34.50
CA GLY A 57 3.20 -17.90 34.90
C GLY A 57 4.24 -17.85 33.78
N LYS A 58 3.81 -17.70 32.47
CA LYS A 58 4.77 -17.54 31.40
C LYS A 58 5.07 -16.06 31.15
N PRO A 59 6.31 -15.74 30.76
CA PRO A 59 6.68 -14.33 30.63
C PRO A 59 6.31 -13.73 29.28
N ALA A 60 5.90 -12.47 29.32
CA ALA A 60 5.56 -11.75 28.09
C ALA A 60 6.73 -11.75 27.13
N THR A 61 6.43 -11.89 25.84
CA THR A 61 7.42 -11.82 24.79
C THR A 61 7.04 -10.85 23.69
N LEU A 62 5.86 -10.24 23.77
CA LEU A 62 5.39 -9.29 22.77
C LEU A 62 4.77 -8.10 23.48
N LYS A 63 5.22 -6.89 23.12
CA LYS A 63 4.69 -5.65 23.64
C LYS A 63 4.09 -4.88 22.48
N ILE A 64 2.79 -4.57 22.56
CA ILE A 64 2.08 -3.85 21.50
C ILE A 64 1.49 -2.57 22.07
N CYS A 65 1.75 -1.46 21.37
CA CYS A 65 1.26 -0.15 21.79
C CYS A 65 0.37 0.43 20.68
N SER A 66 -0.73 1.06 21.09
CA SER A 66 -1.66 1.70 20.17
C SER A 66 -1.94 3.12 20.62
N TRP A 67 -2.05 4.04 19.67
CA TRP A 67 -2.16 5.44 20.02
C TRP A 67 -2.87 6.22 18.92
N ASN A 68 -4.03 6.79 19.23
CA ASN A 68 -4.54 7.89 18.42
C ASN A 68 -3.74 9.14 18.76
N VAL A 69 -3.02 9.66 17.78
CA VAL A 69 -2.00 10.68 18.04
C VAL A 69 -2.46 12.09 17.73
N ASP A 70 -3.72 12.27 17.29
CA ASP A 70 -4.29 13.60 17.03
C ASP A 70 -3.42 14.38 16.05
N GLY A 71 -2.95 13.70 15.00
CA GLY A 71 -2.09 14.39 14.06
C GLY A 71 -0.63 14.09 14.33
N LEU A 72 -0.02 13.34 13.41
CA LEU A 72 1.30 12.77 13.64
C LEU A 72 2.39 13.84 13.67
N ARG A 73 2.32 14.82 12.78
CA ARG A 73 3.33 15.86 12.76
C ARG A 73 3.29 16.70 14.03
N ALA A 74 2.08 17.01 14.52
CA ALA A 74 1.97 17.71 15.80
C ALA A 74 2.51 16.86 16.93
N TRP A 75 2.11 15.59 16.97
CA TRP A 75 2.45 14.70 18.08
C TRP A 75 3.96 14.49 18.18
N ILE A 76 4.64 14.40 17.04
CA ILE A 76 6.10 14.33 17.04
C ILE A 76 6.68 15.60 17.65
N LYS A 77 6.17 16.77 17.26
CA LYS A 77 6.65 18.03 17.81
C LYS A 77 6.39 18.12 19.31
N LYS A 78 5.35 17.45 19.81
CA LYS A 78 5.07 17.42 21.23
C LYS A 78 5.73 16.26 21.95
N LYS A 79 6.76 15.66 21.35
CA LYS A 79 7.68 14.72 22.01
C LYS A 79 7.06 13.34 22.20
N GLY A 80 6.08 13.00 21.36
CA GLY A 80 5.46 11.70 21.47
C GLY A 80 6.37 10.57 21.04
N LEU A 81 7.31 10.84 20.14
CA LEU A 81 8.28 9.84 19.75
C LEU A 81 9.26 9.55 20.88
N ASP A 82 9.53 10.53 21.73
CA ASP A 82 10.31 10.25 22.93
C ASP A 82 9.60 9.24 23.82
N TRP A 83 8.28 9.34 23.94
CA TRP A 83 7.55 8.38 24.76
C TRP A 83 7.60 6.99 24.15
N VAL A 84 7.53 6.88 22.83
CA VAL A 84 7.57 5.57 22.18
C VAL A 84 8.90 4.87 22.49
N LYS A 85 10.01 5.60 22.37
CA LYS A 85 11.31 5.01 22.62
C LYS A 85 11.45 4.57 24.07
N GLU A 86 10.88 5.34 25.00
CA GLU A 86 10.87 4.92 26.41
C GLU A 86 10.02 3.67 26.60
N GLU A 87 8.96 3.49 25.81
CA GLU A 87 8.09 2.34 25.96
C GLU A 87 8.60 1.11 25.21
N ALA A 88 9.44 1.31 24.20
CA ALA A 88 10.09 0.23 23.47
C ALA A 88 9.14 -0.90 23.05
N PRO A 89 8.02 -0.58 22.39
CA PRO A 89 7.12 -1.65 21.97
C PRO A 89 7.70 -2.45 20.82
N ASP A 90 7.25 -3.70 20.71
CA ASP A 90 7.59 -4.48 19.53
C ASP A 90 6.82 -4.00 18.31
N ILE A 91 5.64 -3.43 18.53
CA ILE A 91 4.74 -3.01 17.46
C ILE A 91 4.04 -1.74 17.93
N LEU A 92 3.86 -0.80 17.01
CA LEU A 92 3.24 0.48 17.33
C LEU A 92 2.16 0.76 16.30
N CYS A 93 0.93 0.98 16.78
CA CYS A 93 -0.22 1.26 15.95
C CYS A 93 -0.68 2.69 16.19
N LEU A 94 -0.73 3.49 15.13
CA LEU A 94 -1.15 4.88 15.23
C LEU A 94 -2.46 5.08 14.50
N GLN A 95 -3.29 5.98 15.04
CA GLN A 95 -4.51 6.39 14.37
C GLN A 95 -4.55 7.91 14.27
N GLU A 96 -5.33 8.38 13.31
CA GLU A 96 -5.44 9.80 12.96
C GLU A 96 -4.05 10.43 12.79
N THR A 97 -3.35 9.94 11.77
CA THR A 97 -2.04 10.50 11.46
C THR A 97 -2.17 11.89 10.82
N LYS A 98 -3.24 12.13 10.08
CA LYS A 98 -3.43 13.37 9.33
C LYS A 98 -2.18 13.73 8.54
N CYS A 99 -1.52 12.72 7.97
CA CYS A 99 -0.24 12.97 7.32
C CYS A 99 0.04 11.89 6.29
N SER A 100 0.19 12.29 5.03
CA SER A 100 0.54 11.37 3.96
C SER A 100 2.01 11.00 4.02
N GLU A 101 2.36 9.89 3.37
CA GLU A 101 3.67 9.29 3.54
C GLU A 101 4.80 10.21 3.07
N ASN A 102 4.58 10.98 2.00
CA ASN A 102 5.65 11.87 1.56
C ASN A 102 5.97 12.95 2.59
N LYS A 103 5.10 13.15 3.58
CA LYS A 103 5.28 14.17 4.60
C LYS A 103 5.65 13.62 5.98
N LEU A 104 5.97 12.32 6.08
CA LEU A 104 6.33 11.77 7.38
C LEU A 104 7.63 12.43 7.85
N PRO A 105 7.67 12.96 9.08
CA PRO A 105 8.91 13.57 9.58
C PRO A 105 10.07 12.59 9.57
N ALA A 106 11.28 13.14 9.45
CA ALA A 106 12.47 12.31 9.31
C ALA A 106 12.77 11.52 10.57
N GLU A 107 12.34 12.02 11.74
CA GLU A 107 12.45 11.25 12.98
C GLU A 107 11.99 9.81 12.79
N LEU A 108 11.00 9.60 11.92
CA LEU A 108 10.37 8.29 11.75
C LEU A 108 11.29 7.27 11.10
N GLN A 109 12.30 7.69 10.33
CA GLN A 109 13.30 6.77 9.85
C GLN A 109 14.55 6.76 10.72
N GLU A 110 14.45 7.33 11.93
CA GLU A 110 15.42 7.12 12.99
C GLU A 110 14.90 6.16 14.05
N LEU A 111 14.01 5.25 13.66
CA LEU A 111 13.47 4.25 14.58
C LEU A 111 13.96 2.88 14.17
N PRO A 112 15.02 2.36 14.80
CA PRO A 112 15.61 1.10 14.35
C PRO A 112 14.95 -0.12 14.98
N GLY A 113 14.31 0.07 16.11
CA GLY A 113 13.50 -0.98 16.70
C GLY A 113 12.10 -1.05 16.15
N LEU A 114 11.75 -0.17 15.20
CA LEU A 114 10.41 -0.10 14.62
C LEU A 114 10.54 0.32 13.15
N SER A 115 11.27 -0.47 12.37
CA SER A 115 11.71 -0.04 11.05
C SER A 115 10.88 -0.61 9.90
N HIS A 116 9.97 -1.54 10.18
CA HIS A 116 9.00 -1.97 9.17
C HIS A 116 7.73 -1.16 9.40
N GLN A 117 7.48 -0.21 8.50
CA GLN A 117 6.43 0.78 8.68
C GLN A 117 5.46 0.75 7.52
N TYR A 118 4.18 0.86 7.83
CA TYR A 118 3.11 0.76 6.85
C TYR A 118 2.09 1.84 7.18
N TRP A 119 1.73 2.63 6.20
CA TRP A 119 0.84 3.73 6.38
C TRP A 119 -0.35 3.71 5.46
N SER A 120 -1.47 4.19 5.94
CA SER A 120 -2.69 4.25 5.16
C SER A 120 -3.50 5.50 5.44
N ALA A 121 -3.63 6.32 4.43
CA ALA A 121 -4.36 7.55 4.50
C ALA A 121 -5.47 7.52 3.51
N PRO A 122 -6.46 8.38 3.68
CA PRO A 122 -7.53 8.39 2.68
C PRO A 122 -7.04 9.09 1.42
N SER A 123 -7.70 8.76 0.31
CA SER A 123 -7.29 9.36 -0.96
C SER A 123 -7.99 10.67 -1.25
N ASP A 124 -9.26 10.78 -0.91
CA ASP A 124 -9.99 12.00 -1.26
C ASP A 124 -9.57 13.24 -0.48
N GLY A 127 -5.10 15.28 4.52
CA GLY A 127 -4.73 15.67 5.86
C GLY A 127 -5.76 15.34 6.91
N TYR A 128 -6.37 14.19 6.79
CA TYR A 128 -7.38 13.73 7.74
C TYR A 128 -7.33 12.22 7.80
N SER A 129 -7.79 11.66 8.90
CA SER A 129 -7.82 10.22 9.05
C SER A 129 -6.41 9.80 9.01
N GLY A 130 -6.19 8.54 8.65
CA GLY A 130 -4.88 7.99 8.51
C GLY A 130 -4.42 7.10 9.61
N VAL A 131 -3.87 5.96 9.24
CA VAL A 131 -3.37 5.05 10.28
C VAL A 131 -1.99 4.54 9.88
N GLY A 132 -1.27 4.05 10.87
CA GLY A 132 0.10 3.61 10.67
C GLY A 132 0.43 2.44 11.56
N LEU A 133 1.31 1.57 11.07
CA LEU A 133 1.69 0.37 11.78
C LEU A 133 3.20 0.16 11.67
N LEU A 134 3.87 0.14 12.81
CA LEU A 134 5.32 0.06 12.89
C LEU A 134 5.69 -1.17 13.70
N SER A 135 6.71 -1.90 13.27
CA SER A 135 7.02 -3.16 13.93
CA SER A 135 7.00 -3.22 13.81
C SER A 135 8.50 -3.46 13.88
N ARG A 136 8.98 -4.09 14.96
CA ARG A 136 10.37 -4.51 15.04
C ARG A 136 10.71 -5.53 13.97
N GLN A 137 9.83 -6.52 13.79
CA GLN A 137 10.02 -7.59 12.83
C GLN A 137 9.11 -7.37 11.64
N ALA A 138 9.60 -7.72 10.45
CA ALA A 138 8.75 -7.69 9.27
C ALA A 138 7.59 -8.66 9.45
N PRO A 139 6.38 -8.29 9.04
CA PRO A 139 5.27 -9.24 9.06
C PRO A 139 5.33 -10.20 7.89
N LEU A 140 4.41 -11.17 7.90
CA LEU A 140 4.28 -12.09 6.77
C LEU A 140 3.44 -11.48 5.65
N LYS A 141 2.35 -10.80 6.00
CA LYS A 141 1.47 -10.17 5.04
C LYS A 141 0.97 -8.84 5.59
N VAL A 142 0.78 -7.86 4.71
CA VAL A 142 0.19 -6.57 5.07
C VAL A 142 -0.84 -6.20 4.01
N SER A 143 -2.04 -5.84 4.45
CA SER A 143 -3.10 -5.37 3.55
C SER A 143 -3.81 -4.19 4.19
N TYR A 144 -4.65 -3.53 3.40
CA TYR A 144 -5.34 -2.31 3.82
C TYR A 144 -6.81 -2.39 3.48
N GLY A 145 -7.64 -1.74 4.25
CA GLY A 145 -9.07 -1.82 4.04
C GLY A 145 -9.75 -3.03 4.64
N ILE A 146 -11.05 -3.11 4.50
CA ILE A 146 -11.79 -4.21 5.06
C ILE A 146 -12.46 -5.12 4.07
N GLU A 154 -10.31 4.20 2.26
CA GLU A 154 -10.77 4.90 3.45
C GLU A 154 -9.62 5.32 4.34
N GLY A 155 -8.51 4.59 4.30
CA GLY A 155 -7.37 4.86 5.16
C GLY A 155 -7.61 4.61 6.64
N ARG A 156 -8.30 3.51 6.96
CA ARG A 156 -8.73 3.27 8.33
C ARG A 156 -8.25 1.96 8.95
N VAL A 157 -7.90 0.95 8.15
CA VAL A 157 -7.60 -0.38 8.66
C VAL A 157 -6.31 -0.90 8.03
N ILE A 158 -5.41 -1.43 8.86
CA ILE A 158 -4.23 -2.16 8.41
C ILE A 158 -4.28 -3.57 8.99
N VAL A 159 -4.04 -4.57 8.16
CA VAL A 159 -4.01 -5.97 8.57
C VAL A 159 -2.60 -6.49 8.35
N ALA A 160 -2.01 -7.03 9.41
CA ALA A 160 -0.64 -7.56 9.37
C ALA A 160 -0.63 -8.97 9.94
N GLU A 161 -0.19 -9.93 9.14
CA GLU A 161 -0.09 -11.31 9.59
C GLU A 161 1.33 -11.55 10.11
N PHE A 162 1.43 -11.94 11.37
CA PHE A 162 2.69 -12.35 11.95
C PHE A 162 2.70 -13.86 12.10
N ASP A 163 3.77 -14.39 12.69
CA ASP A 163 3.96 -15.83 12.78
C ASP A 163 2.75 -16.53 13.38
N SER A 164 2.35 -16.13 14.57
CA SER A 164 1.33 -16.85 15.32
C SER A 164 0.03 -16.07 15.50
N PHE A 165 -0.13 -14.91 14.88
CA PHE A 165 -1.39 -14.18 15.02
C PHE A 165 -1.53 -13.16 13.90
N VAL A 166 -2.72 -12.59 13.83
CA VAL A 166 -3.08 -11.56 12.86
C VAL A 166 -3.43 -10.31 13.65
N LEU A 167 -2.74 -9.21 13.36
CA LEU A 167 -2.99 -7.93 13.99
C LEU A 167 -3.82 -7.07 13.06
N VAL A 168 -4.95 -6.58 13.55
CA VAL A 168 -5.75 -5.56 12.87
C VAL A 168 -5.70 -4.31 13.72
N THR A 169 -5.28 -3.21 13.13
CA THR A 169 -5.42 -1.91 13.77
C THR A 169 -6.49 -1.12 13.02
N ALA A 170 -7.34 -0.44 13.75
CA ALA A 170 -8.51 0.18 13.16
C ALA A 170 -8.72 1.57 13.74
N TYR A 171 -9.18 2.47 12.88
CA TYR A 171 -9.66 3.78 13.27
C TYR A 171 -11.11 3.83 12.81
N VAL A 172 -12.03 3.51 13.72
CA VAL A 172 -13.43 3.32 13.38
C VAL A 172 -14.08 4.67 13.13
N PRO A 173 -14.88 4.80 12.06
CA PRO A 173 -15.46 6.11 11.74
C PRO A 173 -16.35 6.63 12.85
N ASN A 174 -16.30 7.95 13.04
CA ASN A 174 -17.02 8.63 14.11
C ASN A 174 -18.45 8.93 13.66
N ALA A 175 -19.40 8.75 14.60
CA ALA A 175 -20.80 9.04 14.29
C ALA A 175 -21.08 10.53 14.15
N GLY A 176 -20.14 11.38 14.55
CA GLY A 176 -20.19 12.79 14.23
C GLY A 176 -20.98 13.60 15.25
N ARG A 177 -20.75 14.92 15.22
CA ARG A 177 -21.58 15.84 15.97
C ARG A 177 -23.02 15.74 15.50
N GLY A 178 -23.96 15.81 16.45
CA GLY A 178 -25.36 15.68 16.14
C GLY A 178 -25.80 14.35 15.58
N LEU A 179 -24.87 13.38 15.43
CA LEU A 179 -25.11 12.02 14.94
C LEU A 179 -25.29 11.95 13.42
N VAL A 180 -24.88 12.97 12.69
CA VAL A 180 -25.08 13.06 11.24
CA VAL A 180 -25.13 13.03 11.25
C VAL A 180 -24.47 11.88 10.49
N ARG A 181 -23.52 11.16 11.10
CA ARG A 181 -22.86 10.06 10.41
C ARG A 181 -23.09 8.73 11.10
N LEU A 182 -24.12 8.62 11.95
CA LEU A 182 -24.32 7.41 12.74
C LEU A 182 -24.76 6.23 11.88
N GLU A 183 -25.55 6.48 10.82
CA GLU A 183 -26.03 5.37 10.01
C GLU A 183 -24.90 4.75 9.18
N TYR A 184 -24.01 5.59 8.65
CA TYR A 184 -22.80 5.07 8.02
C TYR A 184 -22.00 4.23 9.02
N ARG A 185 -21.83 4.74 10.24
CA ARG A 185 -21.11 4.01 11.27
C ARG A 185 -21.70 2.63 11.50
N GLN A 186 -23.03 2.53 11.52
CA GLN A 186 -23.67 1.23 11.72
C GLN A 186 -23.47 0.34 10.50
N ARG A 187 -23.56 0.91 9.30
CA ARG A 187 -23.24 0.13 8.11
C ARG A 187 -21.77 -0.31 8.12
N TRP A 188 -20.87 0.60 8.51
CA TRP A 188 -19.45 0.26 8.62
C TRP A 188 -19.23 -0.86 9.62
N ASP A 189 -19.81 -0.72 10.82
CA ASP A 189 -19.66 -1.72 11.87
C ASP A 189 -19.93 -3.12 11.35
N GLU A 190 -20.98 -3.26 10.54
CA GLU A 190 -21.41 -4.55 10.04
C GLU A 190 -20.46 -5.07 8.95
N ALA A 191 -19.98 -4.18 8.08
CA ALA A 191 -18.99 -4.58 7.10
C ALA A 191 -17.68 -4.97 7.77
N PHE A 192 -17.30 -4.25 8.84
CA PHE A 192 -16.10 -4.59 9.59
C PHE A 192 -16.22 -5.99 10.19
N ARG A 193 -17.27 -6.20 10.96
CA ARG A 193 -17.58 -7.51 11.55
C ARG A 193 -17.46 -8.64 10.54
N LYS A 194 -18.20 -8.53 9.44
CA LYS A 194 -18.15 -9.58 8.42
C LYS A 194 -16.73 -9.74 7.88
N PHE A 195 -16.03 -8.63 7.65
CA PHE A 195 -14.63 -8.72 7.26
C PHE A 195 -13.80 -9.46 8.30
N LEU A 196 -13.93 -9.07 9.57
CA LEU A 196 -13.13 -9.68 10.63
C LEU A 196 -13.40 -11.19 10.71
N LYS A 197 -14.67 -11.58 10.82
CA LYS A 197 -15.00 -13.00 10.86
C LYS A 197 -14.38 -13.74 9.68
N GLY A 198 -14.56 -13.21 8.48
CA GLY A 198 -14.05 -13.86 7.28
C GLY A 198 -12.57 -13.79 7.03
N LEU A 199 -11.75 -13.59 8.07
CA LEU A 199 -10.31 -13.59 7.88
C LEU A 199 -9.82 -15.01 7.61
N ALA A 200 -9.23 -15.21 6.43
CA ALA A 200 -8.90 -16.54 5.94
C ALA A 200 -8.12 -17.35 6.97
N SER A 201 -7.14 -16.73 7.62
CA SER A 201 -6.22 -17.46 8.49
C SER A 201 -6.95 -18.05 9.70
N ARG A 202 -6.55 -19.26 10.07
CA ARG A 202 -6.99 -19.88 11.32
C ARG A 202 -6.21 -19.35 12.51
N LYS A 203 -5.37 -18.35 12.32
CA LYS A 203 -4.60 -17.76 13.41
C LYS A 203 -5.49 -16.87 14.27
N PRO A 204 -5.20 -16.77 15.56
CA PRO A 204 -6.02 -15.92 16.43
C PRO A 204 -5.85 -14.45 16.10
N LEU A 205 -6.86 -13.68 16.48
CA LEU A 205 -6.97 -12.30 16.08
C LEU A 205 -6.60 -11.37 17.23
N VAL A 206 -5.75 -10.40 16.96
CA VAL A 206 -5.57 -9.24 17.84
C VAL A 206 -6.06 -8.02 17.08
N LEU A 207 -7.07 -7.37 17.63
CA LEU A 207 -7.61 -6.13 17.07
C LEU A 207 -7.40 -5.01 18.08
N CYS A 208 -6.78 -3.93 17.63
CA CYS A 208 -6.48 -2.81 18.52
C CYS A 208 -6.76 -1.50 17.81
N GLY A 209 -6.83 -0.43 18.60
CA GLY A 209 -6.92 0.91 18.06
C GLY A 209 -8.12 1.66 18.60
N ASP A 210 -8.45 2.74 17.92
CA ASP A 210 -9.53 3.65 18.31
C ASP A 210 -10.82 3.11 17.74
N LEU A 211 -11.63 2.46 18.58
CA LEU A 211 -12.88 1.86 18.15
C LEU A 211 -14.08 2.78 18.33
N ASN A 212 -13.88 3.98 18.87
CA ASN A 212 -14.88 5.06 18.85
C ASN A 212 -16.20 4.66 19.47
N VAL A 213 -16.15 3.94 20.60
CA VAL A 213 -17.33 3.71 21.42
C VAL A 213 -16.86 3.37 22.82
N ALA A 214 -17.55 3.93 23.82
CA ALA A 214 -17.47 3.47 25.19
C ALA A 214 -18.50 2.37 25.36
N HIS A 215 -18.03 1.12 25.46
CA HIS A 215 -18.91 -0.05 25.44
C HIS A 215 -20.03 0.09 26.46
N GLU A 216 -19.67 0.29 27.73
CA GLU A 216 -20.63 0.27 28.81
C GLU A 216 -20.53 1.56 29.60
N GLU A 217 -21.45 1.72 30.56
CA GLU A 217 -21.48 2.93 31.36
C GLU A 217 -20.19 3.10 32.16
N ILE A 218 -19.54 2.00 32.53
CA ILE A 218 -18.29 2.09 33.29
C ILE A 218 -17.17 2.75 32.47
N ASP A 219 -17.31 2.81 31.15
CA ASP A 219 -16.23 3.26 30.28
C ASP A 219 -16.25 4.77 30.01
N LEU A 220 -17.08 5.55 30.70
CA LEU A 220 -17.00 7.00 30.53
C LEU A 220 -17.51 7.69 31.80
N ARG A 221 -17.10 8.95 31.95
CA ARG A 221 -17.43 9.70 33.16
C ARG A 221 -18.91 10.06 33.21
N ASN A 222 -19.47 10.51 32.09
CA ASN A 222 -20.83 11.04 32.03
C ASN A 222 -21.70 10.17 31.13
N PRO A 223 -22.02 8.94 31.55
CA PRO A 223 -22.90 8.11 30.70
C PRO A 223 -24.32 8.65 30.59
N LYS A 224 -24.85 9.33 31.61
CA LYS A 224 -26.23 9.79 31.53
C LYS A 224 -26.40 10.83 30.43
N GLY A 225 -25.51 11.81 30.36
CA GLY A 225 -25.63 12.91 29.43
C GLY A 225 -25.01 12.71 28.08
N ASN A 226 -24.45 11.52 27.82
CA ASN A 226 -23.80 11.21 26.57
C ASN A 226 -24.53 10.14 25.77
N LYS A 227 -25.71 9.72 26.22
CA LYS A 227 -26.41 8.62 25.58
C LYS A 227 -26.96 8.99 24.19
N LYS A 228 -26.98 10.28 23.84
CA LYS A 228 -27.29 10.72 22.48
C LYS A 228 -26.05 11.24 21.76
N ASN A 229 -24.88 11.17 22.39
CA ASN A 229 -23.65 11.72 21.86
C ASN A 229 -22.87 10.63 21.12
N ALA A 230 -22.11 11.06 20.10
CA ALA A 230 -21.21 10.16 19.40
C ALA A 230 -20.35 9.38 20.38
N GLY A 231 -20.25 8.06 20.17
CA GLY A 231 -19.43 7.22 21.01
C GLY A 231 -20.14 6.55 22.16
N PHE A 232 -21.41 6.90 22.42
CA PHE A 232 -22.16 6.22 23.49
C PHE A 232 -23.64 6.15 23.12
N THR A 233 -23.94 5.89 21.86
CA THR A 233 -25.32 5.63 21.47
C THR A 233 -25.63 4.15 21.69
N PRO A 234 -26.92 3.81 21.86
CA PRO A 234 -27.28 2.38 21.90
C PRO A 234 -26.87 1.67 20.64
N GLN A 235 -26.85 2.37 19.51
CA GLN A 235 -26.48 1.75 18.25
C GLN A 235 -24.99 1.41 18.22
N GLU A 236 -24.15 2.28 18.76
CA GLU A 236 -22.71 1.98 18.82
C GLU A 236 -22.41 0.92 19.87
N ARG A 237 -22.92 1.10 21.08
CA ARG A 237 -22.72 0.10 22.14
C ARG A 237 -23.15 -1.28 21.66
N GLN A 238 -24.33 -1.37 21.03
CA GLN A 238 -24.77 -2.63 20.44
C GLN A 238 -23.76 -3.14 19.43
N GLY A 239 -23.17 -2.24 18.63
CA GLY A 239 -22.18 -2.66 17.65
C GLY A 239 -20.97 -3.31 18.30
N PHE A 240 -20.43 -2.69 19.35
CA PHE A 240 -19.34 -3.29 20.09
C PHE A 240 -19.74 -4.66 20.63
N GLY A 241 -20.95 -4.75 21.20
CA GLY A 241 -21.43 -6.02 21.71
C GLY A 241 -21.42 -7.11 20.65
N GLU A 242 -21.94 -6.79 19.46
CA GLU A 242 -22.00 -7.82 18.40
C GLU A 242 -20.60 -8.25 17.98
N LEU A 243 -19.66 -7.30 17.91
CA LEU A 243 -18.29 -7.61 17.48
C LEU A 243 -17.66 -8.65 18.39
N LEU A 244 -17.76 -8.46 19.70
CA LEU A 244 -17.21 -9.43 20.64
C LEU A 244 -17.82 -10.81 20.46
N GLN A 245 -19.13 -10.87 20.22
CA GLN A 245 -19.73 -12.20 20.10
C GLN A 245 -19.62 -12.75 18.68
N ALA A 246 -19.88 -11.89 17.70
CA ALA A 246 -19.81 -12.32 16.31
C ALA A 246 -18.46 -12.98 16.00
N VAL A 247 -17.37 -12.32 16.36
CA VAL A 247 -16.06 -12.72 15.80
C VAL A 247 -15.54 -14.12 16.22
N PRO A 248 -15.43 -14.44 17.53
CA PRO A 248 -15.66 -13.74 18.80
C PRO A 248 -14.40 -13.06 19.33
N LEU A 249 -14.57 -12.11 20.25
CA LEU A 249 -13.44 -11.38 20.82
C LEU A 249 -13.72 -11.04 22.27
N ALA A 250 -12.63 -10.79 23.01
CA ALA A 250 -12.72 -10.38 24.41
C ALA A 250 -12.06 -9.02 24.58
N ASP A 251 -12.61 -8.25 25.50
CA ASP A 251 -12.15 -6.91 25.85
C ASP A 251 -11.01 -7.07 26.86
N SER A 252 -9.78 -7.07 26.35
CA SER A 252 -8.62 -7.41 27.18
C SER A 252 -8.61 -6.62 28.47
N PHE A 253 -8.80 -5.30 28.39
CA PHE A 253 -8.68 -4.49 29.60
C PHE A 253 -9.72 -4.88 30.65
N ARG A 254 -10.94 -5.19 30.25
CA ARG A 254 -11.93 -5.50 31.25
C ARG A 254 -11.99 -6.97 31.61
N HIS A 255 -11.46 -7.85 30.77
CA HIS A 255 -11.27 -9.22 31.21
C HIS A 255 -10.38 -9.27 32.43
N LEU A 256 -9.44 -8.32 32.55
CA LEU A 256 -8.54 -8.26 33.71
C LEU A 256 -9.04 -7.32 34.79
N TYR A 257 -9.75 -6.26 34.42
CA TYR A 257 -10.25 -5.27 35.38
C TYR A 257 -11.74 -5.05 35.18
N PRO A 258 -12.55 -6.09 35.36
CA PRO A 258 -13.98 -5.98 34.98
C PRO A 258 -14.75 -4.96 35.78
N ASN A 259 -14.26 -4.57 36.96
CA ASN A 259 -14.98 -3.65 37.83
C ASN A 259 -14.26 -2.33 38.07
N THR A 260 -13.19 -2.05 37.33
CA THR A 260 -12.38 -0.87 37.60
C THR A 260 -13.01 0.34 36.91
N PRO A 261 -13.53 1.31 37.64
CA PRO A 261 -14.07 2.51 37.01
C PRO A 261 -12.97 3.49 36.64
N TYR A 262 -13.38 4.55 35.95
CA TYR A 262 -12.58 5.77 35.75
C TYR A 262 -11.34 5.56 34.91
N ALA A 263 -11.21 4.42 34.23
CA ALA A 263 -10.07 4.18 33.34
C ALA A 263 -10.48 4.63 31.92
N TYR A 264 -9.92 5.76 31.48
CA TYR A 264 -10.27 6.36 30.20
C TYR A 264 -9.02 6.49 29.34
N THR A 265 -9.23 6.48 28.02
CA THR A 265 -8.16 6.70 27.06
C THR A 265 -8.35 7.99 26.27
N PHE A 266 -9.41 8.74 26.54
CA PHE A 266 -9.69 9.96 25.80
C PHE A 266 -10.28 11.01 26.72
N TRP A 267 -9.89 12.25 26.51
CA TRP A 267 -10.45 13.39 27.23
C TRP A 267 -10.55 14.54 26.25
N THR A 268 -11.72 15.15 26.14
CA THR A 268 -11.85 16.27 25.22
C THR A 268 -10.91 17.39 25.65
N TYR A 269 -10.28 18.03 24.67
CA TYR A 269 -9.43 19.19 24.96
C TYR A 269 -10.20 20.27 25.69
N MET A 270 -11.45 20.46 25.40
CA MET A 270 -12.20 21.48 26.05
C MET A 270 -12.49 21.31 27.50
N MET A 271 -12.66 22.43 28.16
CA MET A 271 -13.04 22.47 29.57
C MET A 271 -12.08 21.72 30.49
N ASN A 272 -10.81 21.60 30.08
CA ASN A 272 -9.79 20.92 30.89
C ASN A 272 -10.27 19.56 31.38
N ALA A 273 -10.94 18.82 30.51
CA ALA A 273 -11.54 17.55 30.92
C ALA A 273 -10.49 16.54 31.35
N ARG A 274 -9.28 16.62 30.80
CA ARG A 274 -8.26 15.65 31.19
C ARG A 274 -7.84 15.84 32.64
N SER A 275 -7.66 17.09 33.07
CA SER A 275 -7.21 17.36 34.44
C SER A 275 -8.20 16.84 35.47
N LYS A 276 -9.49 16.78 35.12
CA LYS A 276 -10.51 16.22 36.00
C LYS A 276 -10.77 14.75 35.73
N ASN A 277 -9.99 14.13 34.84
CA ASN A 277 -10.21 12.76 34.38
C ASN A 277 -11.67 12.53 34.00
N VAL A 278 -12.24 13.49 33.30
CA VAL A 278 -13.56 13.34 32.70
C VAL A 278 -13.33 12.83 31.28
N GLY A 279 -13.50 11.53 31.09
CA GLY A 279 -13.15 10.96 29.80
C GLY A 279 -13.88 9.71 29.39
N TRP A 280 -13.41 9.11 28.29
CA TRP A 280 -14.02 7.96 27.66
C TRP A 280 -12.94 6.90 27.43
N ARG A 281 -13.35 5.64 27.44
CA ARG A 281 -12.48 4.55 27.02
C ARG A 281 -12.86 4.20 25.59
N LEU A 282 -12.14 4.81 24.63
CA LEU A 282 -12.40 4.64 23.21
C LEU A 282 -11.40 3.74 22.52
N ASP A 283 -10.34 3.31 23.20
CA ASP A 283 -9.22 2.59 22.60
C ASP A 283 -9.04 1.24 23.29
N TYR A 284 -8.92 0.17 22.49
CA TYR A 284 -8.99 -1.19 23.02
C TYR A 284 -7.94 -2.09 22.40
N PHE A 285 -7.66 -3.19 23.11
CA PHE A 285 -7.14 -4.42 22.55
C PHE A 285 -8.22 -5.48 22.67
N LEU A 286 -8.54 -6.16 21.57
CA LEU A 286 -9.57 -7.20 21.54
C LEU A 286 -8.95 -8.50 21.05
N LEU A 287 -9.15 -9.58 21.81
CA LEU A 287 -8.45 -10.83 21.60
C LEU A 287 -9.42 -11.96 21.28
N SER A 288 -9.00 -12.84 20.38
CA SER A 288 -9.65 -14.14 20.26
C SER A 288 -9.55 -14.89 21.58
N HIS A 289 -10.56 -15.72 21.87
CA HIS A 289 -10.60 -16.42 23.14
C HIS A 289 -9.33 -17.22 23.41
N SER A 290 -8.71 -17.75 22.34
CA SER A 290 -7.54 -18.60 22.51
C SER A 290 -6.31 -17.82 22.95
N LEU A 291 -6.28 -16.51 22.78
CA LEU A 291 -5.15 -15.70 23.23
C LEU A 291 -5.28 -15.25 24.68
N LEU A 292 -6.39 -15.55 25.34
CA LEU A 292 -6.52 -15.17 26.75
C LEU A 292 -5.51 -15.84 27.67
N PRO A 293 -5.14 -17.12 27.50
CA PRO A 293 -4.10 -17.68 28.37
C PRO A 293 -2.77 -16.95 28.24
N ALA A 294 -2.44 -16.45 27.05
CA ALA A 294 -1.20 -15.72 26.82
C ALA A 294 -1.30 -14.24 27.15
N LEU A 295 -2.41 -13.80 27.73
CA LEU A 295 -2.59 -12.39 28.05
C LEU A 295 -1.93 -12.07 29.39
N CYS A 296 -0.93 -11.19 29.36
CA CYS A 296 -0.27 -10.80 30.60
C CYS A 296 -0.90 -9.54 31.18
N ASP A 297 -0.99 -8.47 30.39
CA ASP A 297 -1.63 -7.26 30.88
C ASP A 297 -2.05 -6.38 29.71
N SER A 298 -2.94 -5.44 30.00
CA SER A 298 -3.44 -4.46 29.05
C SER A 298 -3.48 -3.14 29.78
N LYS A 299 -2.78 -2.13 29.26
CA LYS A 299 -2.44 -0.94 30.03
C LYS A 299 -3.00 0.32 29.40
N ILE A 300 -3.38 1.27 30.25
CA ILE A 300 -3.76 2.61 29.85
C ILE A 300 -2.70 3.56 30.35
N ARG A 301 -1.98 4.21 29.43
CA ARG A 301 -0.81 5.02 29.77
C ARG A 301 -1.24 6.48 29.93
N SER A 302 -1.90 6.75 31.06
CA SER A 302 -2.64 8.00 31.24
C SER A 302 -1.72 9.22 31.24
N LYS A 303 -0.45 9.05 31.61
CA LYS A 303 0.43 10.19 31.80
C LYS A 303 1.17 10.62 30.53
N ALA A 304 1.14 9.81 29.48
CA ALA A 304 1.81 10.15 28.23
C ALA A 304 0.98 11.16 27.45
N LEU A 305 1.51 12.38 27.31
CA LEU A 305 0.78 13.47 26.69
C LEU A 305 1.08 13.51 25.19
N GLY A 306 0.42 14.42 24.48
CA GLY A 306 0.70 14.60 23.07
C GLY A 306 -0.50 14.56 22.14
N SER A 307 -1.61 14.00 22.65
CA SER A 307 -2.87 13.94 21.91
C SER A 307 -4.00 14.18 22.90
N ASP A 308 -5.24 14.07 22.44
CA ASP A 308 -6.33 13.92 23.40
C ASP A 308 -6.61 12.47 23.74
N HIS A 309 -5.91 11.55 23.08
CA HIS A 309 -5.90 10.14 23.45
C HIS A 309 -4.58 9.82 24.14
N CYS A 310 -4.63 8.87 25.05
CA CYS A 310 -3.40 8.39 25.65
C CYS A 310 -3.02 7.06 25.03
N PRO A 311 -1.77 6.63 25.18
CA PRO A 311 -1.38 5.33 24.64
C PRO A 311 -2.02 4.20 25.43
N ILE A 312 -2.20 3.06 24.76
CA ILE A 312 -2.56 1.82 25.42
C ILE A 312 -1.56 0.75 24.99
N THR A 313 -1.32 -0.21 25.87
CA THR A 313 -0.26 -1.18 25.68
C THR A 313 -0.70 -2.58 26.08
N LEU A 314 -0.35 -3.55 25.24
CA LEU A 314 -0.69 -4.96 25.44
C LEU A 314 0.59 -5.76 25.64
N TYR A 315 0.59 -6.64 26.65
CA TYR A 315 1.69 -7.58 26.91
C TYR A 315 1.17 -8.99 26.65
N LEU A 316 1.71 -9.66 25.64
CA LEU A 316 1.35 -11.03 25.33
C LEU A 316 2.55 -11.96 25.54
N ALA A 317 2.27 -13.18 26.00
CA ALA A 317 3.29 -14.21 26.20
C ALA A 317 3.10 -15.28 25.12
N LEU A 318 3.82 -15.14 24.02
CA LEU A 318 3.80 -16.13 22.96
C LEU A 318 5.10 -16.93 22.93
N ALA B 43 24.04 -10.98 -32.67
CA ALA B 43 23.13 -11.84 -31.93
C ALA B 43 22.96 -11.36 -30.49
N LEU B 44 23.69 -12.01 -29.58
CA LEU B 44 23.32 -11.93 -28.18
C LEU B 44 23.66 -10.59 -27.58
N TYR B 45 22.99 -10.29 -26.50
CA TYR B 45 23.05 -8.96 -25.91
C TYR B 45 23.29 -9.06 -24.43
N GLU B 46 24.07 -8.12 -23.94
CA GLU B 46 24.28 -8.06 -22.52
C GLU B 46 24.25 -6.65 -22.00
N ASP B 47 23.43 -6.44 -21.00
CA ASP B 47 23.02 -5.12 -20.53
C ASP B 47 24.08 -4.55 -19.60
N PRO B 48 24.53 -3.33 -19.81
CA PRO B 48 25.65 -2.76 -19.02
C PRO B 48 25.32 -2.76 -17.54
N PRO B 49 26.31 -2.60 -16.67
CA PRO B 49 26.03 -2.57 -15.23
C PRO B 49 25.18 -1.36 -14.88
N ASP B 50 24.40 -1.49 -13.81
CA ASP B 50 23.53 -0.40 -13.38
C ASP B 50 24.36 0.81 -12.99
N GLN B 51 24.08 1.94 -13.61
CA GLN B 51 24.57 3.22 -13.10
C GLN B 51 23.48 3.80 -12.20
N LYS B 52 23.78 3.90 -10.90
CA LYS B 52 22.85 4.48 -9.94
C LYS B 52 23.18 5.93 -9.63
N THR B 53 24.01 6.57 -10.43
CA THR B 53 24.36 7.98 -10.30
C THR B 53 23.82 8.75 -11.50
N SER B 54 23.29 9.94 -11.22
CA SER B 54 22.82 10.83 -12.27
C SER B 54 23.99 11.59 -12.89
N PRO B 55 23.81 12.22 -14.05
CA PRO B 55 24.91 13.00 -14.63
C PRO B 55 25.41 14.09 -13.71
N SER B 56 24.50 14.82 -13.07
CA SER B 56 24.87 15.78 -12.03
C SER B 56 25.39 15.11 -10.77
N GLY B 57 25.65 13.81 -10.80
CA GLY B 57 26.32 13.12 -9.71
C GLY B 57 25.47 12.76 -8.52
N LYS B 58 24.14 12.99 -8.58
CA LYS B 58 23.27 12.72 -7.44
C LYS B 58 22.78 11.27 -7.47
N PRO B 59 22.66 10.59 -6.31
CA PRO B 59 22.29 9.17 -6.31
C PRO B 59 20.79 8.88 -6.42
N ALA B 60 20.50 7.78 -7.09
CA ALA B 60 19.12 7.39 -7.35
C ALA B 60 18.35 7.12 -6.06
N THR B 61 17.13 7.66 -5.98
CA THR B 61 16.26 7.45 -4.83
C THR B 61 15.10 6.53 -5.14
N LEU B 62 14.93 6.12 -6.39
CA LEU B 62 13.65 5.57 -6.84
C LEU B 62 13.89 4.50 -7.89
N LYS B 63 13.38 3.30 -7.62
CA LYS B 63 13.54 2.15 -8.50
C LYS B 63 12.15 1.69 -8.94
N ILE B 64 11.89 1.78 -10.25
CA ILE B 64 10.64 1.33 -10.84
C ILE B 64 10.96 0.13 -11.73
N CYS B 65 10.18 -0.94 -11.59
CA CYS B 65 10.33 -2.12 -12.42
C CYS B 65 9.03 -2.40 -13.15
N SER B 66 9.11 -2.61 -14.46
CA SER B 66 7.95 -2.90 -15.30
C SER B 66 8.15 -4.25 -15.98
N TRP B 67 7.07 -5.05 -16.00
CA TRP B 67 7.17 -6.43 -16.46
C TRP B 67 5.82 -6.85 -17.04
N ASN B 68 5.81 -7.29 -18.30
CA ASN B 68 4.65 -8.00 -18.81
C ASN B 68 4.79 -9.46 -18.38
N VAL B 69 3.98 -9.85 -17.39
CA VAL B 69 4.11 -11.18 -16.81
C VAL B 69 3.39 -12.26 -17.60
N ASP B 70 2.62 -11.85 -18.62
CA ASP B 70 1.86 -12.75 -19.49
C ASP B 70 1.20 -13.87 -18.72
N GLY B 71 0.21 -13.56 -17.87
CA GLY B 71 -0.41 -14.55 -17.03
C GLY B 71 0.16 -14.48 -15.62
N LEU B 72 -0.51 -13.72 -14.74
CA LEU B 72 0.07 -13.42 -13.43
C LEU B 72 0.23 -14.67 -12.57
N ARG B 73 -0.70 -15.62 -12.67
CA ARG B 73 -0.62 -16.78 -11.79
C ARG B 73 0.47 -17.75 -12.24
N ALA B 74 0.58 -18.00 -13.54
CA ALA B 74 1.70 -18.79 -14.04
C ALA B 74 3.03 -18.10 -13.76
N TRP B 75 3.07 -16.77 -13.91
CA TRP B 75 4.29 -16.03 -13.61
C TRP B 75 4.67 -16.16 -12.14
N ILE B 76 3.67 -16.16 -11.24
CA ILE B 76 3.98 -16.40 -9.83
C ILE B 76 4.52 -17.80 -9.63
N LYS B 77 3.90 -18.80 -10.27
CA LYS B 77 4.35 -20.18 -10.12
C LYS B 77 5.73 -20.42 -10.72
N LYS B 78 6.20 -19.51 -11.59
CA LYS B 78 7.56 -19.56 -12.08
C LYS B 78 8.49 -18.65 -11.28
N LYS B 79 8.08 -18.30 -10.06
CA LYS B 79 8.91 -17.72 -9.02
C LYS B 79 9.23 -16.26 -9.32
N GLY B 80 8.33 -15.58 -10.06
CA GLY B 80 8.53 -14.18 -10.37
C GLY B 80 8.65 -13.32 -9.12
N LEU B 81 7.80 -13.58 -8.12
CA LEU B 81 7.90 -12.85 -6.86
C LEU B 81 9.27 -13.01 -6.23
N ASP B 82 9.90 -14.18 -6.40
CA ASP B 82 11.26 -14.35 -5.91
C ASP B 82 12.19 -13.36 -6.58
N TRP B 83 12.07 -13.22 -7.90
CA TRP B 83 12.92 -12.27 -8.61
C TRP B 83 12.61 -10.83 -8.20
N VAL B 84 11.32 -10.49 -8.11
CA VAL B 84 10.95 -9.14 -7.71
C VAL B 84 11.47 -8.83 -6.32
N LYS B 85 11.37 -9.80 -5.40
CA LYS B 85 11.92 -9.61 -4.05
C LYS B 85 13.40 -9.27 -4.10
N GLU B 86 14.16 -9.96 -4.95
CA GLU B 86 15.59 -9.69 -5.06
C GLU B 86 15.86 -8.34 -5.72
N GLU B 87 15.13 -8.03 -6.79
CA GLU B 87 15.30 -6.73 -7.45
C GLU B 87 14.96 -5.59 -6.51
N ALA B 88 13.98 -5.79 -5.63
CA ALA B 88 13.60 -4.82 -4.60
C ALA B 88 13.26 -3.43 -5.15
N PRO B 89 12.35 -3.32 -6.09
CA PRO B 89 11.97 -2.00 -6.61
C PRO B 89 11.06 -1.26 -5.63
N ASP B 90 11.02 0.06 -5.78
CA ASP B 90 10.06 0.84 -5.01
C ASP B 90 8.67 0.77 -5.63
N ILE B 91 8.58 0.63 -6.95
CA ILE B 91 7.30 0.52 -7.66
C ILE B 91 7.43 -0.57 -8.71
N LEU B 92 6.39 -1.40 -8.82
CA LEU B 92 6.39 -2.53 -9.75
C LEU B 92 5.12 -2.50 -10.58
N CYS B 93 5.28 -2.45 -11.90
CA CYS B 93 4.16 -2.41 -12.84
C CYS B 93 4.10 -3.71 -13.61
N LEU B 94 2.91 -4.30 -13.68
CA LEU B 94 2.68 -5.57 -14.36
C LEU B 94 1.64 -5.37 -15.45
N GLN B 95 1.86 -6.00 -16.60
CA GLN B 95 0.89 -5.95 -17.68
C GLN B 95 0.51 -7.36 -18.10
N GLU B 96 -0.71 -7.47 -18.65
CA GLU B 96 -1.24 -8.75 -19.15
C GLU B 96 -1.26 -9.79 -18.02
N THR B 97 -1.96 -9.43 -16.95
CA THR B 97 -2.05 -10.34 -15.81
C THR B 97 -2.98 -11.49 -16.10
N LYS B 98 -4.05 -11.27 -16.88
CA LYS B 98 -5.09 -12.27 -17.13
C LYS B 98 -5.58 -12.87 -15.83
N CYS B 99 -5.91 -12.00 -14.88
CA CYS B 99 -6.39 -12.43 -13.58
C CYS B 99 -7.36 -11.38 -13.08
N SER B 100 -8.60 -11.79 -12.80
CA SER B 100 -9.52 -10.88 -12.16
C SER B 100 -9.09 -10.65 -10.71
N GLU B 101 -9.56 -9.53 -10.14
CA GLU B 101 -9.17 -9.16 -8.79
C GLU B 101 -9.46 -10.27 -7.80
N ASN B 102 -10.59 -10.97 -7.97
CA ASN B 102 -10.99 -11.95 -6.99
C ASN B 102 -10.06 -13.18 -6.97
N LYS B 103 -9.28 -13.39 -8.03
CA LYS B 103 -8.39 -14.54 -8.14
C LYS B 103 -6.93 -14.17 -7.88
N LEU B 104 -6.67 -12.99 -7.35
CA LEU B 104 -5.29 -12.55 -7.09
C LEU B 104 -4.69 -13.33 -5.95
N PRO B 105 -3.72 -14.22 -6.19
CA PRO B 105 -3.21 -15.06 -5.11
C PRO B 105 -2.69 -14.22 -3.95
N ALA B 106 -2.92 -14.71 -2.73
CA ALA B 106 -2.56 -13.94 -1.55
C ALA B 106 -1.05 -13.75 -1.42
N GLU B 107 -0.26 -14.56 -2.12
CA GLU B 107 1.20 -14.41 -2.06
C GLU B 107 1.65 -13.01 -2.44
N LEU B 108 0.80 -12.24 -3.13
CA LEU B 108 1.17 -10.88 -3.49
C LEU B 108 1.32 -9.99 -2.26
N GLN B 109 0.44 -10.16 -1.26
CA GLN B 109 0.60 -9.41 -0.02
C GLN B 109 1.88 -9.74 0.72
N GLU B 110 2.65 -10.71 0.25
CA GLU B 110 3.89 -11.13 0.89
C GLU B 110 5.09 -10.33 0.42
N LEU B 111 4.91 -9.33 -0.43
CA LEU B 111 6.05 -8.64 -1.00
C LEU B 111 6.54 -7.57 -0.04
N PRO B 112 7.81 -7.62 0.38
CA PRO B 112 8.31 -6.72 1.43
C PRO B 112 7.97 -5.25 1.27
N GLY B 113 8.49 -4.59 0.24
CA GLY B 113 8.26 -3.17 0.10
C GLY B 113 7.30 -2.80 -1.02
N LEU B 114 6.20 -3.53 -1.17
CA LEU B 114 5.23 -3.27 -2.22
C LEU B 114 3.81 -3.57 -1.73
N SER B 115 3.45 -2.98 -0.58
CA SER B 115 2.21 -3.35 0.10
C SER B 115 0.97 -2.74 -0.55
N HIS B 116 1.07 -1.55 -1.13
CA HIS B 116 -0.07 -0.90 -1.76
C HIS B 116 -0.18 -1.37 -3.20
N GLN B 117 -1.23 -2.12 -3.51
CA GLN B 117 -1.36 -2.78 -4.79
C GLN B 117 -2.68 -2.37 -5.43
N TYR B 118 -2.62 -2.09 -6.73
CA TYR B 118 -3.76 -1.60 -7.49
C TYR B 118 -3.89 -2.43 -8.75
N TRP B 119 -5.12 -2.76 -9.10
CA TRP B 119 -5.38 -3.66 -10.20
C TRP B 119 -6.55 -3.15 -11.03
N SER B 120 -6.53 -3.48 -12.32
CA SER B 120 -7.57 -3.03 -13.24
C SER B 120 -7.65 -4.07 -14.37
N ALA B 121 -8.65 -4.93 -14.29
CA ALA B 121 -8.96 -5.98 -15.25
C ALA B 121 -10.22 -5.58 -16.05
N PRO B 122 -10.52 -6.30 -17.17
CA PRO B 122 -11.45 -5.72 -18.16
C PRO B 122 -12.96 -5.92 -18.02
N SER B 123 -13.47 -6.89 -17.23
CA SER B 123 -14.89 -7.21 -17.16
C SER B 123 -15.41 -7.85 -18.45
N ASP B 124 -14.93 -7.34 -19.59
CA ASP B 124 -15.05 -7.95 -20.91
C ASP B 124 -15.39 -9.43 -20.91
N GLY B 127 -10.79 -10.46 -21.99
CA GLY B 127 -10.12 -11.23 -20.94
C GLY B 127 -8.67 -11.61 -21.32
N TYR B 128 -8.07 -10.84 -22.22
CA TYR B 128 -6.65 -11.03 -22.55
C TYR B 128 -5.84 -9.82 -22.09
N SER B 129 -6.09 -9.34 -20.88
CA SER B 129 -5.61 -8.02 -20.50
C SER B 129 -5.39 -7.98 -19.00
N GLY B 130 -5.32 -6.78 -18.43
CA GLY B 130 -5.16 -6.61 -17.00
C GLY B 130 -3.79 -6.08 -16.62
N VAL B 131 -3.75 -5.05 -15.77
CA VAL B 131 -2.50 -4.46 -15.32
C VAL B 131 -2.53 -4.29 -13.81
N GLY B 132 -1.35 -4.08 -13.24
CA GLY B 132 -1.22 -3.90 -11.80
C GLY B 132 -0.08 -2.97 -11.48
N LEU B 133 -0.25 -2.20 -10.42
CA LEU B 133 0.77 -1.26 -9.94
C LEU B 133 0.95 -1.49 -8.45
N LEU B 134 2.14 -1.98 -8.06
CA LEU B 134 2.48 -2.28 -6.68
C LEU B 134 3.50 -1.25 -6.22
N SER B 135 3.28 -0.65 -5.06
CA SER B 135 4.07 0.48 -4.62
C SER B 135 4.40 0.38 -3.14
N ARG B 136 5.62 0.79 -2.78
CA ARG B 136 6.01 0.85 -1.38
C ARG B 136 5.18 1.89 -0.63
N GLN B 137 5.09 3.10 -1.18
CA GLN B 137 4.28 4.16 -0.62
C GLN B 137 2.94 4.25 -1.33
N ALA B 138 1.95 4.69 -0.61
CA ALA B 138 0.65 4.95 -1.22
C ALA B 138 0.76 6.12 -2.17
N PRO B 139 0.42 5.95 -3.45
CA PRO B 139 0.30 7.12 -4.33
C PRO B 139 -0.82 8.03 -3.84
N LEU B 140 -0.68 9.33 -4.14
CA LEU B 140 -1.63 10.31 -3.61
C LEU B 140 -2.99 10.18 -4.27
N LYS B 141 -3.05 9.74 -5.53
CA LYS B 141 -4.31 9.48 -6.21
C LYS B 141 -4.08 8.38 -7.24
N VAL B 142 -5.11 7.57 -7.46
CA VAL B 142 -5.00 6.41 -8.34
C VAL B 142 -6.26 6.33 -9.20
N SER B 143 -6.09 6.44 -10.51
CA SER B 143 -7.18 6.30 -11.47
C SER B 143 -6.87 5.16 -12.44
N TYR B 144 -7.91 4.73 -13.14
CA TYR B 144 -7.83 3.61 -14.06
C TYR B 144 -8.45 4.00 -15.39
N GLY B 145 -7.93 3.43 -16.48
CA GLY B 145 -8.44 3.73 -17.80
C GLY B 145 -7.98 5.09 -18.28
N ILE B 146 -8.47 5.45 -19.47
CA ILE B 146 -8.07 6.70 -20.11
C ILE B 146 -9.27 7.58 -20.43
N GLY B 147 -10.31 7.51 -19.59
CA GLY B 147 -11.40 8.47 -19.70
C GLY B 147 -12.77 7.89 -20.00
N ASP B 148 -13.04 7.62 -21.27
CA ASP B 148 -14.30 6.97 -21.65
C ASP B 148 -13.99 5.52 -22.02
N GLU B 154 -11.26 -1.49 -20.49
CA GLU B 154 -10.70 -2.76 -20.96
C GLU B 154 -9.49 -3.16 -20.11
N GLY B 155 -9.24 -2.43 -19.03
CA GLY B 155 -8.20 -2.79 -18.08
C GLY B 155 -6.78 -2.76 -18.61
N ARG B 156 -6.36 -1.62 -19.15
CA ARG B 156 -5.05 -1.50 -19.79
C ARG B 156 -4.14 -0.45 -19.16
N VAL B 157 -4.66 0.43 -18.32
CA VAL B 157 -3.93 1.61 -17.87
C VAL B 157 -4.23 1.87 -16.40
N ILE B 158 -3.18 2.05 -15.61
CA ILE B 158 -3.31 2.62 -14.27
C ILE B 158 -2.51 3.92 -14.25
N VAL B 159 -3.07 4.93 -13.61
CA VAL B 159 -2.42 6.24 -13.47
C VAL B 159 -2.25 6.50 -11.98
N ALA B 160 -1.00 6.74 -11.57
CA ALA B 160 -0.66 6.94 -10.16
C ALA B 160 0.12 8.24 -10.02
N GLU B 161 -0.31 9.07 -9.08
CA GLU B 161 0.27 10.40 -8.87
C GLU B 161 1.00 10.42 -7.55
N PHE B 162 2.31 10.66 -7.60
CA PHE B 162 3.17 10.65 -6.42
C PHE B 162 3.55 12.07 -6.05
N ASP B 163 4.50 12.19 -5.10
CA ASP B 163 5.00 13.48 -4.67
C ASP B 163 5.31 14.40 -5.84
N SER B 164 6.23 13.98 -6.70
CA SER B 164 6.88 14.86 -7.65
C SER B 164 6.62 14.54 -9.11
N PHE B 165 5.91 13.47 -9.42
CA PHE B 165 5.72 13.05 -10.80
C PHE B 165 4.42 12.26 -10.90
N VAL B 166 4.04 11.94 -12.14
CA VAL B 166 2.86 11.12 -12.38
C VAL B 166 3.29 9.91 -13.19
N LEU B 167 3.03 8.73 -12.64
CA LEU B 167 3.38 7.46 -13.25
C LEU B 167 2.16 6.88 -13.95
N VAL B 168 2.33 6.46 -15.19
CA VAL B 168 1.31 5.75 -15.94
C VAL B 168 1.90 4.41 -16.36
N THR B 169 1.15 3.33 -16.16
CA THR B 169 1.52 2.05 -16.74
C THR B 169 0.45 1.64 -17.74
N ALA B 170 0.89 0.95 -18.78
CA ALA B 170 0.00 0.67 -19.90
C ALA B 170 0.36 -0.68 -20.51
N TYR B 171 -0.70 -1.37 -20.95
CA TYR B 171 -0.60 -2.59 -21.74
C TYR B 171 -1.33 -2.27 -23.04
N VAL B 172 -0.57 -1.85 -24.04
CA VAL B 172 -1.14 -1.23 -25.23
C VAL B 172 -1.76 -2.32 -26.12
N PRO B 173 -2.94 -2.08 -26.67
CA PRO B 173 -3.60 -3.10 -27.50
C PRO B 173 -2.74 -3.52 -28.69
N ASN B 174 -2.65 -4.83 -28.89
CA ASN B 174 -1.88 -5.41 -29.99
C ASN B 174 -2.66 -5.31 -31.29
N ALA B 175 -1.96 -5.06 -32.40
CA ALA B 175 -2.65 -4.93 -33.68
C ALA B 175 -3.21 -6.26 -34.16
N GLY B 176 -2.57 -7.37 -33.80
CA GLY B 176 -3.12 -8.69 -34.02
C GLY B 176 -2.48 -9.40 -35.20
N ARG B 177 -2.51 -10.73 -35.15
CA ARG B 177 -2.20 -11.58 -36.29
C ARG B 177 -2.95 -11.11 -37.52
N GLY B 178 -2.21 -10.74 -38.56
CA GLY B 178 -2.84 -10.20 -39.75
C GLY B 178 -3.63 -8.94 -39.50
N LEU B 179 -3.20 -8.12 -38.53
CA LEU B 179 -3.70 -6.76 -38.30
C LEU B 179 -5.23 -6.71 -38.17
N VAL B 180 -5.81 -7.79 -37.66
CA VAL B 180 -7.25 -7.85 -37.43
C VAL B 180 -7.73 -6.66 -36.61
N ARG B 181 -6.92 -6.21 -35.64
CA ARG B 181 -7.32 -5.18 -34.70
C ARG B 181 -6.49 -3.91 -34.83
N LEU B 182 -5.85 -3.68 -35.98
CA LEU B 182 -5.00 -2.50 -36.12
C LEU B 182 -5.82 -1.23 -36.03
N GLU B 183 -7.01 -1.21 -36.63
CA GLU B 183 -7.84 -0.01 -36.55
C GLU B 183 -8.23 0.30 -35.11
N TYR B 184 -8.55 -0.74 -34.32
CA TYR B 184 -8.76 -0.50 -32.89
C TYR B 184 -7.48 0.03 -32.25
N ARG B 185 -6.34 -0.56 -32.58
CA ARG B 185 -5.06 -0.04 -32.08
C ARG B 185 -4.87 1.41 -32.49
N GLN B 186 -5.31 1.78 -33.70
CA GLN B 186 -5.02 3.12 -34.22
C GLN B 186 -5.81 4.20 -33.49
N ARG B 187 -7.09 3.96 -33.22
CA ARG B 187 -7.84 4.94 -32.43
C ARG B 187 -7.33 4.99 -30.99
N TRP B 188 -7.09 3.83 -30.38
CA TRP B 188 -6.57 3.79 -29.03
C TRP B 188 -5.31 4.62 -28.92
N ASP B 189 -4.46 4.60 -29.96
CA ASP B 189 -3.26 5.42 -29.95
C ASP B 189 -3.59 6.90 -29.93
N GLU B 190 -4.52 7.33 -30.78
CA GLU B 190 -4.96 8.72 -30.75
C GLU B 190 -5.51 9.09 -29.38
N ALA B 191 -6.47 8.31 -28.88
CA ALA B 191 -7.04 8.56 -27.56
C ALA B 191 -5.96 8.65 -26.48
N PHE B 192 -4.92 7.83 -26.59
CA PHE B 192 -3.94 7.71 -25.51
C PHE B 192 -3.09 8.98 -25.38
N ARG B 193 -2.54 9.49 -26.50
CA ARG B 193 -1.78 10.74 -26.42
C ARG B 193 -2.63 11.86 -25.89
N LYS B 194 -3.82 12.02 -26.47
CA LYS B 194 -4.77 13.03 -26.03
C LYS B 194 -4.90 13.05 -24.51
N PHE B 195 -5.21 11.89 -23.94
CA PHE B 195 -5.34 11.75 -22.49
C PHE B 195 -4.03 12.12 -21.78
N LEU B 196 -2.90 11.61 -22.28
CA LEU B 196 -1.61 11.85 -21.63
C LEU B 196 -1.20 13.32 -21.62
N LYS B 197 -1.79 14.14 -22.50
CA LYS B 197 -1.42 15.55 -22.50
C LYS B 197 -2.05 16.28 -21.32
N GLY B 198 -3.31 15.95 -20.98
CA GLY B 198 -3.95 16.54 -19.82
C GLY B 198 -3.22 16.29 -18.52
N LEU B 199 -2.28 15.34 -18.50
CA LEU B 199 -1.54 14.99 -17.29
C LEU B 199 -0.18 15.69 -17.21
N ALA B 200 0.69 15.46 -18.20
CA ALA B 200 2.04 16.03 -18.17
C ALA B 200 2.02 17.55 -18.10
N SER B 201 0.93 18.19 -18.54
CA SER B 201 0.77 19.62 -18.35
C SER B 201 0.60 20.00 -16.88
N ARG B 202 0.51 19.03 -15.98
CA ARG B 202 0.25 19.32 -14.58
C ARG B 202 1.37 18.92 -13.63
N LYS B 203 2.33 18.07 -14.06
CA LYS B 203 3.52 17.64 -13.31
C LYS B 203 4.19 16.52 -14.12
N PRO B 204 5.51 16.36 -14.07
CA PRO B 204 6.19 15.44 -15.02
C PRO B 204 5.62 14.03 -15.02
N LEU B 205 5.99 13.30 -16.06
CA LEU B 205 5.34 12.04 -16.42
C LEU B 205 6.39 10.94 -16.56
N VAL B 206 6.10 9.78 -15.98
CA VAL B 206 6.76 8.53 -16.34
C VAL B 206 5.68 7.61 -16.88
N LEU B 207 5.85 7.17 -18.12
CA LEU B 207 4.98 6.16 -18.72
C LEU B 207 5.81 4.92 -19.00
N CYS B 208 5.43 3.81 -18.38
CA CYS B 208 6.12 2.55 -18.58
C CYS B 208 5.14 1.48 -19.06
N GLY B 209 5.70 0.41 -19.61
CA GLY B 209 4.94 -0.79 -19.84
C GLY B 209 5.13 -1.34 -21.22
N ASP B 210 4.29 -2.32 -21.55
CA ASP B 210 4.25 -2.91 -22.88
C ASP B 210 3.52 -1.95 -23.81
N LEU B 211 4.26 -1.30 -24.70
CA LEU B 211 3.68 -0.39 -25.67
C LEU B 211 3.44 -1.06 -27.01
N ASN B 212 3.83 -2.33 -27.14
CA ASN B 212 3.53 -3.15 -28.31
C ASN B 212 3.94 -2.49 -29.63
N VAL B 213 5.12 -1.87 -29.62
CA VAL B 213 5.72 -1.36 -30.86
C VAL B 213 7.22 -1.28 -30.65
N ALA B 214 7.97 -1.83 -31.61
CA ALA B 214 9.39 -1.54 -31.76
C ALA B 214 9.50 -0.26 -32.59
N HIS B 215 9.93 0.83 -31.96
CA HIS B 215 10.04 2.15 -32.56
C HIS B 215 10.72 2.11 -33.93
N GLU B 216 12.02 1.80 -33.95
CA GLU B 216 12.80 1.77 -35.18
C GLU B 216 13.48 0.42 -35.36
N GLU B 217 13.94 0.19 -36.58
CA GLU B 217 14.63 -1.04 -37.00
C GLU B 217 15.61 -1.57 -35.94
N ILE B 218 16.42 -0.69 -35.34
CA ILE B 218 17.38 -1.14 -34.33
C ILE B 218 16.68 -1.73 -33.12
N ASP B 219 15.37 -1.50 -32.95
CA ASP B 219 14.66 -1.94 -31.77
C ASP B 219 14.08 -3.35 -31.88
N LEU B 220 14.20 -3.99 -33.04
CA LEU B 220 13.80 -5.38 -33.17
C LEU B 220 14.76 -6.05 -34.13
N ARG B 221 14.75 -7.38 -34.11
CA ARG B 221 15.78 -8.17 -34.77
C ARG B 221 15.52 -8.39 -36.25
N ASN B 222 14.25 -8.42 -36.68
CA ASN B 222 13.89 -8.68 -38.07
C ASN B 222 13.09 -7.53 -38.67
N PRO B 223 13.70 -6.35 -38.83
CA PRO B 223 12.93 -5.19 -39.31
C PRO B 223 12.19 -5.44 -40.63
N LYS B 224 12.79 -6.18 -41.55
CA LYS B 224 12.24 -6.24 -42.90
C LYS B 224 11.26 -7.39 -43.10
N GLY B 225 11.44 -8.51 -42.40
CA GLY B 225 10.42 -9.53 -42.44
C GLY B 225 9.20 -9.26 -41.60
N ASN B 226 9.14 -8.10 -40.94
CA ASN B 226 8.08 -7.81 -39.99
C ASN B 226 7.38 -6.48 -40.25
N LYS B 227 7.78 -5.75 -41.28
CA LYS B 227 7.24 -4.43 -41.58
C LYS B 227 5.73 -4.45 -41.82
N LYS B 228 5.10 -5.62 -41.91
CA LYS B 228 3.65 -5.75 -42.05
C LYS B 228 3.00 -6.47 -40.87
N ASN B 229 3.67 -6.56 -39.73
CA ASN B 229 3.12 -7.28 -38.59
C ASN B 229 2.94 -6.37 -37.38
N ALA B 230 1.90 -6.67 -36.61
CA ALA B 230 1.64 -6.04 -35.32
C ALA B 230 2.91 -5.85 -34.53
N GLY B 231 3.19 -4.60 -34.17
CA GLY B 231 4.42 -4.22 -33.52
C GLY B 231 5.38 -3.45 -34.40
N PHE B 232 5.18 -3.47 -35.73
CA PHE B 232 6.14 -2.77 -36.58
C PHE B 232 5.54 -2.21 -37.87
N THR B 233 4.23 -2.03 -37.95
CA THR B 233 3.61 -1.41 -39.10
C THR B 233 4.01 0.06 -39.20
N PRO B 234 3.89 0.66 -40.39
CA PRO B 234 4.05 2.13 -40.48
C PRO B 234 3.19 2.87 -39.49
N GLN B 235 1.96 2.39 -39.30
CA GLN B 235 1.00 3.12 -38.47
C GLN B 235 1.35 3.05 -36.99
N GLU B 236 1.75 1.88 -36.50
CA GLU B 236 2.13 1.75 -35.10
C GLU B 236 3.37 2.56 -34.78
N ARG B 237 4.37 2.55 -35.67
CA ARG B 237 5.56 3.33 -35.43
C ARG B 237 5.29 4.82 -35.62
N GLN B 238 4.39 5.17 -36.55
CA GLN B 238 3.86 6.53 -36.57
C GLN B 238 3.36 6.91 -35.17
N GLY B 239 2.58 6.03 -34.55
CA GLY B 239 1.99 6.34 -33.26
C GLY B 239 3.02 6.62 -32.17
N PHE B 240 4.05 5.78 -32.07
CA PHE B 240 5.08 5.99 -31.06
C PHE B 240 5.81 7.32 -31.28
N GLY B 241 6.06 7.67 -32.55
CA GLY B 241 6.67 8.95 -32.83
C GLY B 241 5.77 10.12 -32.48
N GLU B 242 4.50 10.04 -32.87
CA GLU B 242 3.53 11.05 -32.44
C GLU B 242 3.49 11.14 -30.92
N LEU B 243 3.57 10.00 -30.24
CA LEU B 243 3.54 9.98 -28.77
C LEU B 243 4.70 10.78 -28.19
N LEU B 244 5.92 10.55 -28.70
CA LEU B 244 7.04 11.30 -28.15
C LEU B 244 7.01 12.77 -28.57
N GLN B 245 6.42 13.06 -29.72
CA GLN B 245 6.30 14.45 -30.16
C GLN B 245 5.25 15.19 -29.34
N ALA B 246 4.06 14.60 -29.23
CA ALA B 246 2.91 15.36 -28.72
C ALA B 246 3.05 15.73 -27.26
N VAL B 247 3.52 14.82 -26.42
CA VAL B 247 3.33 14.97 -24.97
C VAL B 247 4.19 16.07 -24.33
N PRO B 248 5.53 16.10 -24.57
CA PRO B 248 6.53 15.22 -25.18
C PRO B 248 7.18 14.26 -24.19
N LEU B 249 7.67 13.14 -24.70
CA LEU B 249 8.43 12.17 -23.92
C LEU B 249 9.72 11.82 -24.64
N ALA B 250 10.68 11.32 -23.87
CA ALA B 250 11.92 10.79 -24.41
C ALA B 250 12.06 9.33 -23.99
N ASP B 251 12.44 8.49 -24.94
CA ASP B 251 12.64 7.05 -24.70
C ASP B 251 13.90 6.89 -23.85
N SER B 252 13.72 6.62 -22.55
CA SER B 252 14.84 6.70 -21.61
C SER B 252 15.97 5.75 -21.97
N PHE B 253 15.65 4.54 -22.45
CA PHE B 253 16.72 3.61 -22.81
C PHE B 253 17.49 4.09 -24.02
N ARG B 254 16.80 4.56 -25.07
CA ARG B 254 17.49 5.12 -26.23
C ARG B 254 18.25 6.38 -25.87
N HIS B 255 17.70 7.20 -24.97
CA HIS B 255 18.36 8.44 -24.61
C HIS B 255 19.76 8.21 -24.06
N LEU B 256 20.04 7.03 -23.51
CA LEU B 256 21.36 6.69 -22.99
C LEU B 256 22.14 5.75 -23.88
N TYR B 257 21.46 4.81 -24.54
CA TYR B 257 22.10 3.86 -25.44
C TYR B 257 21.55 4.06 -26.85
N PRO B 258 21.79 5.23 -27.46
CA PRO B 258 21.27 5.46 -28.81
C PRO B 258 21.92 4.57 -29.82
N ASN B 259 23.04 3.97 -29.46
CA ASN B 259 23.94 3.31 -30.38
C ASN B 259 23.86 1.78 -30.29
N THR B 260 22.94 1.24 -29.47
CA THR B 260 23.07 -0.12 -29.02
C THR B 260 22.08 -1.04 -29.73
N PRO B 261 22.55 -2.05 -30.46
CA PRO B 261 21.65 -3.01 -31.07
C PRO B 261 21.42 -4.22 -30.16
N TYR B 262 20.48 -5.06 -30.58
CA TYR B 262 20.25 -6.40 -30.04
C TYR B 262 19.63 -6.38 -28.65
N ALA B 263 18.95 -5.30 -28.27
CA ALA B 263 18.47 -5.08 -26.90
C ALA B 263 16.94 -5.15 -26.88
N TYR B 264 16.42 -6.35 -26.69
CA TYR B 264 14.99 -6.61 -26.78
C TYR B 264 14.43 -6.98 -25.41
N THR B 265 13.12 -6.80 -25.25
CA THR B 265 12.44 -7.14 -24.01
C THR B 265 11.38 -8.22 -24.20
N PHE B 266 11.19 -8.71 -25.42
CA PHE B 266 10.22 -9.77 -25.68
C PHE B 266 10.78 -10.72 -26.74
N TRP B 267 10.48 -12.01 -26.58
CA TRP B 267 10.74 -13.00 -27.60
C TRP B 267 9.56 -13.95 -27.64
N THR B 268 9.20 -14.39 -28.84
CA THR B 268 8.20 -15.42 -28.97
C THR B 268 8.71 -16.71 -28.32
N TYR B 269 7.83 -17.40 -27.60
CA TYR B 269 8.19 -18.67 -26.99
C TYR B 269 8.65 -19.69 -28.03
N MET B 270 8.31 -19.49 -29.30
CA MET B 270 8.49 -20.50 -30.33
C MET B 270 9.87 -20.40 -31.00
N MET B 271 10.18 -21.44 -31.77
CA MET B 271 11.40 -21.53 -32.58
C MET B 271 12.64 -21.14 -31.77
N ASN B 272 12.60 -21.47 -30.47
CA ASN B 272 13.55 -21.02 -29.46
C ASN B 272 14.09 -19.64 -29.77
N ALA B 273 13.20 -18.66 -29.90
CA ALA B 273 13.64 -17.31 -30.25
C ALA B 273 14.44 -16.66 -29.14
N ARG B 274 14.16 -17.00 -27.88
CA ARG B 274 14.80 -16.27 -26.79
C ARG B 274 16.28 -16.60 -26.64
N SER B 275 16.67 -17.84 -26.94
CA SER B 275 18.09 -18.16 -26.81
C SER B 275 18.91 -17.71 -28.02
N LYS B 276 18.26 -17.50 -29.18
CA LYS B 276 18.93 -16.84 -30.29
C LYS B 276 18.84 -15.31 -30.19
N ASN B 277 18.07 -14.80 -29.22
CA ASN B 277 17.76 -13.36 -29.13
C ASN B 277 17.18 -12.92 -30.46
N VAL B 278 16.15 -13.62 -30.93
CA VAL B 278 15.33 -13.09 -32.01
C VAL B 278 14.19 -12.38 -31.31
N GLY B 279 14.39 -11.09 -31.02
CA GLY B 279 13.55 -10.39 -30.06
C GLY B 279 13.02 -9.05 -30.54
N TRP B 280 12.15 -8.48 -29.71
CA TRP B 280 11.57 -7.17 -29.91
C TRP B 280 11.73 -6.35 -28.65
N ARG B 281 11.86 -5.03 -28.83
CA ARG B 281 11.86 -4.11 -27.69
C ARG B 281 10.49 -3.44 -27.68
N LEU B 282 9.58 -4.03 -26.90
CA LEU B 282 8.21 -3.54 -26.78
C LEU B 282 7.93 -2.85 -25.45
N ASP B 283 8.87 -2.89 -24.51
CA ASP B 283 8.65 -2.44 -23.14
C ASP B 283 9.58 -1.27 -22.84
N TYR B 284 8.99 -0.19 -22.32
CA TYR B 284 9.61 1.12 -22.33
C TYR B 284 9.45 1.84 -21.00
N PHE B 285 10.37 2.75 -20.72
CA PHE B 285 10.18 3.85 -19.78
C PHE B 285 10.32 5.14 -20.58
N LEU B 286 9.24 5.90 -20.71
CA LEU B 286 9.25 7.17 -21.42
C LEU B 286 9.08 8.30 -20.42
N LEU B 287 9.86 9.37 -20.59
CA LEU B 287 9.90 10.43 -19.59
C LEU B 287 9.75 11.80 -20.22
N SER B 288 9.05 12.68 -19.51
CA SER B 288 9.11 14.11 -19.76
C SER B 288 10.57 14.56 -19.84
N HIS B 289 10.82 15.55 -20.69
CA HIS B 289 12.16 16.09 -20.83
CA HIS B 289 12.16 16.08 -20.83
C HIS B 289 12.69 16.60 -19.49
N SER B 290 11.84 17.23 -18.70
CA SER B 290 12.25 17.81 -17.42
C SER B 290 12.80 16.78 -16.45
N LEU B 291 12.65 15.49 -16.73
CA LEU B 291 13.16 14.45 -15.86
C LEU B 291 14.47 13.84 -16.32
N LEU B 292 14.88 14.10 -17.56
CA LEU B 292 16.19 13.66 -18.03
C LEU B 292 17.32 13.93 -17.04
N PRO B 293 17.40 15.09 -16.37
CA PRO B 293 18.48 15.29 -15.39
C PRO B 293 18.43 14.34 -14.20
N ALA B 294 17.30 13.69 -13.93
CA ALA B 294 17.24 12.69 -12.87
C ALA B 294 17.47 11.28 -13.37
N LEU B 295 17.54 11.08 -14.68
CA LEU B 295 17.63 9.75 -15.29
C LEU B 295 19.00 9.14 -14.99
N CYS B 296 19.04 8.19 -14.04
CA CYS B 296 20.30 7.56 -13.67
C CYS B 296 20.66 6.40 -14.59
N ASP B 297 19.67 5.64 -15.06
CA ASP B 297 19.88 4.50 -15.93
C ASP B 297 18.51 3.92 -16.28
N SER B 298 18.52 2.96 -17.22
CA SER B 298 17.29 2.33 -17.69
C SER B 298 17.68 0.96 -18.23
N LYS B 299 17.29 -0.11 -17.54
CA LYS B 299 17.88 -1.40 -17.78
C LYS B 299 16.88 -2.39 -18.37
N ILE B 300 17.46 -3.47 -18.92
CA ILE B 300 16.74 -4.61 -19.44
C ILE B 300 17.30 -5.85 -18.71
N ARG B 301 16.43 -6.56 -18.00
CA ARG B 301 16.87 -7.72 -17.22
C ARG B 301 16.64 -9.00 -18.03
N SER B 302 17.44 -9.14 -19.08
CA SER B 302 17.25 -10.22 -20.05
C SER B 302 17.19 -11.60 -19.40
N LYS B 303 17.91 -11.79 -18.29
CA LYS B 303 18.06 -13.12 -17.71
C LYS B 303 16.84 -13.59 -16.93
N ALA B 304 15.96 -12.67 -16.53
CA ALA B 304 14.86 -13.03 -15.64
C ALA B 304 13.76 -13.74 -16.42
N LEU B 305 13.50 -15.00 -16.08
CA LEU B 305 12.52 -15.81 -16.78
C LEU B 305 11.17 -15.66 -16.10
N GLY B 306 10.15 -16.30 -16.68
CA GLY B 306 8.80 -16.27 -16.13
C GLY B 306 7.75 -15.81 -17.13
N SER B 307 8.19 -15.33 -18.28
CA SER B 307 7.28 -14.77 -19.28
C SER B 307 8.02 -14.75 -20.61
N ASP B 308 7.29 -14.43 -21.67
CA ASP B 308 7.94 -14.14 -22.95
C ASP B 308 8.38 -12.69 -23.05
N HIS B 309 8.15 -11.89 -22.01
CA HIS B 309 8.79 -10.60 -21.80
C HIS B 309 9.76 -10.72 -20.63
N CYS B 310 10.67 -9.76 -20.54
CA CYS B 310 11.59 -9.68 -19.41
C CYS B 310 11.38 -8.39 -18.66
N PRO B 311 11.78 -8.33 -17.39
CA PRO B 311 11.62 -7.09 -16.62
C PRO B 311 12.47 -5.97 -17.19
N ILE B 312 12.03 -4.74 -16.94
CA ILE B 312 12.83 -3.55 -17.18
C ILE B 312 12.80 -2.73 -15.90
N THR B 313 13.86 -1.95 -15.68
CA THR B 313 14.02 -1.24 -14.44
C THR B 313 14.54 0.16 -14.70
N LEU B 314 13.97 1.13 -13.98
CA LEU B 314 14.33 2.54 -14.10
C LEU B 314 14.91 3.01 -12.78
N TYR B 315 16.01 3.75 -12.85
CA TYR B 315 16.54 4.49 -11.71
C TYR B 315 16.44 5.98 -12.00
N LEU B 316 15.81 6.72 -11.10
CA LEU B 316 15.83 8.18 -11.16
C LEU B 316 16.18 8.74 -9.80
N ALA B 317 16.90 9.86 -9.80
CA ALA B 317 17.36 10.54 -8.60
C ALA B 317 16.44 11.74 -8.37
N LEU B 318 15.54 11.62 -7.41
CA LEU B 318 14.53 12.64 -7.18
C LEU B 318 14.75 13.41 -5.87
#